data_5IMU
#
_entry.id   5IMU
#
_cell.length_a   50.155
_cell.length_b   54.973
_cell.length_c   75.807
_cell.angle_alpha   90.00
_cell.angle_beta   90.00
_cell.angle_gamma   90.00
#
_symmetry.space_group_name_H-M   'P 21 21 21'
#
loop_
_entity.id
_entity.type
_entity.pdbx_description
1 polymer 'Tat (Twin-arginine translocation) pathway signal sequence containing protein'
2 non-polymer 'POTASSIUM ION'
3 water water
#
_entity_poly.entity_id   1
_entity_poly.type   'polypeptide(L)'
_entity_poly.pdbx_seq_one_letter_code
;GATAGAVSARAAEQQRLQRIVDAVARQEPRISWAAGLRDDGTTTLLVTDLAGGWIPPHVRLPANVTLLEPTARRRDADVI
DLLGAVVAVAAHESNTYVAEPGPDAPALTGDRSARSAIPKVDEFGPTLVEAVRRRDSLPRIAQAIALPAVRKTGVLENEA
ELLHGCITAVKESVLKAYPSHELTAVGDWMLLAAIEALIDEQDYLANYHLAWYAVTTRRGGSRGFAA
;
_entity_poly.pdbx_strand_id   A
#
loop_
_chem_comp.id
_chem_comp.type
_chem_comp.name
_chem_comp.formula
K non-polymer 'POTASSIUM ION' 'K 1'
#
# COMPACT_ATOMS: atom_id res chain seq x y z
N ALA A 4 -30.77 22.62 12.36
CA ALA A 4 -31.16 21.60 13.33
C ALA A 4 -30.56 20.26 12.97
N GLY A 5 -29.55 19.83 13.73
CA GLY A 5 -28.83 18.62 13.45
C GLY A 5 -27.78 18.73 12.38
N ALA A 6 -27.57 19.92 11.81
CA ALA A 6 -26.57 20.08 10.77
C ALA A 6 -25.16 19.94 11.32
N VAL A 7 -24.92 20.47 12.53
CA VAL A 7 -23.60 20.33 13.14
C VAL A 7 -23.28 18.88 13.43
N SER A 8 -24.26 18.12 13.93
CA SER A 8 -24.01 16.72 14.29
C SER A 8 -23.69 15.88 13.06
N ALA A 9 -24.40 16.11 11.95
CA ALA A 9 -24.11 15.36 10.73
C ALA A 9 -22.75 15.73 10.17
N ARG A 10 -22.42 17.02 10.16
CA ARG A 10 -21.10 17.44 9.71
C ARG A 10 -20.01 16.89 10.61
N ALA A 11 -20.23 16.90 11.93
CA ALA A 11 -19.26 16.34 12.86
C ALA A 11 -19.09 14.84 12.63
N ALA A 12 -20.19 14.12 12.46
CA ALA A 12 -20.11 12.68 12.23
C ALA A 12 -19.29 12.38 10.99
N GLU A 13 -19.44 13.18 9.94
CA GLU A 13 -18.70 12.98 8.71
C GLU A 13 -17.20 13.18 8.91
N GLN A 14 -16.83 14.24 9.63
CA GLN A 14 -15.41 14.48 9.92
C GLN A 14 -14.84 13.42 10.85
N GLN A 15 -15.60 13.02 11.87
CA GLN A 15 -15.11 12.03 12.83
C GLN A 15 -14.90 10.68 12.15
N ARG A 16 -15.78 10.32 11.21
CA ARG A 16 -15.62 9.06 10.50
C ARG A 16 -14.31 9.02 9.73
N LEU A 17 -13.94 10.12 9.08
CA LEU A 17 -12.67 10.17 8.36
C LEU A 17 -11.50 10.04 9.32
N GLN A 18 -11.57 10.69 10.48
CA GLN A 18 -10.45 10.63 11.41
C GLN A 18 -10.26 9.23 11.98
N ARG A 19 -11.36 8.52 12.25
CA ARG A 19 -11.23 7.14 12.72
C ARG A 19 -10.61 6.25 11.66
N ILE A 20 -10.92 6.50 10.39
CA ILE A 20 -10.30 5.73 9.30
C ILE A 20 -8.81 6.00 9.24
N VAL A 21 -8.41 7.27 9.34
CA VAL A 21 -7.00 7.61 9.32
C VAL A 21 -6.28 6.99 10.51
N ASP A 22 -6.85 7.16 11.71
CA ASP A 22 -6.21 6.61 12.91
C ASP A 22 -6.15 5.09 12.86
N ALA A 23 -7.06 4.45 12.14
CA ALA A 23 -7.05 2.99 12.05
C ALA A 23 -5.83 2.49 11.30
N VAL A 24 -5.45 3.15 10.20
CA VAL A 24 -4.24 2.72 9.50
C VAL A 24 -3.01 3.30 10.19
N ALA A 25 -3.13 4.47 10.81
CA ALA A 25 -1.97 5.10 11.44
C ALA A 25 -1.47 4.28 12.62
N ARG A 26 -2.39 3.72 13.42
CA ARG A 26 -1.91 2.94 14.55
C ARG A 26 -1.24 1.64 14.11
N GLN A 27 -1.55 1.15 12.90
CA GLN A 27 -0.84 0.00 12.36
C GLN A 27 0.56 0.37 11.88
N GLU A 28 0.71 1.58 11.32
CA GLU A 28 2.01 2.07 10.87
C GLU A 28 2.10 3.57 11.10
N PRO A 29 2.49 3.99 12.31
CA PRO A 29 2.51 5.42 12.63
C PRO A 29 3.73 6.18 12.14
N ARG A 30 4.73 5.49 11.60
CA ARG A 30 5.97 6.14 11.20
C ARG A 30 5.86 6.88 9.88
N ILE A 31 4.73 6.80 9.18
CA ILE A 31 4.52 7.50 7.93
C ILE A 31 3.23 8.32 8.02
N SER A 32 3.10 9.30 7.13
CA SER A 32 1.96 10.20 7.14
C SER A 32 0.81 9.60 6.35
N TRP A 33 -0.42 9.83 6.83
CA TRP A 33 -1.64 9.33 6.21
C TRP A 33 -2.64 10.47 6.06
N ALA A 34 -3.57 10.29 5.13
CA ALA A 34 -4.69 11.21 4.98
C ALA A 34 -5.86 10.47 4.34
N ALA A 35 -7.07 10.89 4.69
CA ALA A 35 -8.29 10.39 4.07
C ALA A 35 -9.23 11.55 3.78
N GLY A 36 -9.96 11.43 2.68
CA GLY A 36 -10.85 12.50 2.25
C GLY A 36 -12.10 11.94 1.61
N LEU A 37 -13.18 12.70 1.71
CA LEU A 37 -14.46 12.35 1.12
C LEU A 37 -14.63 13.13 -0.19
N ARG A 38 -14.85 12.39 -1.28
CA ARG A 38 -15.08 13.03 -2.57
C ARG A 38 -16.46 13.70 -2.60
N ASP A 39 -16.65 14.56 -3.60
CA ASP A 39 -17.89 15.32 -3.67
C ASP A 39 -19.10 14.47 -4.08
N ASP A 40 -18.89 13.20 -4.46
CA ASP A 40 -20.03 12.33 -4.68
C ASP A 40 -20.68 11.89 -3.36
N GLY A 41 -20.04 12.18 -2.23
CA GLY A 41 -20.58 11.85 -0.93
C GLY A 41 -20.39 10.41 -0.50
N THR A 42 -19.82 9.56 -1.35
CA THR A 42 -19.68 8.14 -1.04
C THR A 42 -18.27 7.59 -1.18
N THR A 43 -17.38 8.23 -1.93
CA THR A 43 -16.03 7.71 -2.14
C THR A 43 -15.09 8.28 -1.09
N THR A 44 -14.53 7.41 -0.26
CA THR A 44 -13.53 7.78 0.73
C THR A 44 -12.16 7.37 0.22
N LEU A 45 -11.31 8.36 -0.04
CA LEU A 45 -9.98 8.14 -0.58
C LEU A 45 -8.96 8.13 0.55
N LEU A 46 -8.06 7.13 0.54
CA LEU A 46 -7.05 6.97 1.58
C LEU A 46 -5.67 6.94 0.93
N VAL A 47 -4.74 7.73 1.49
CA VAL A 47 -3.40 7.86 0.92
C VAL A 47 -2.35 7.86 2.02
N THR A 48 -1.14 7.46 1.65
CA THR A 48 0.09 7.83 2.33
C THR A 48 1.06 8.34 1.27
N ASP A 49 2.04 9.14 1.70
CA ASP A 49 3.03 9.67 0.77
C ASP A 49 4.27 8.80 0.69
N LEU A 50 4.20 7.56 1.18
CA LEU A 50 5.36 6.67 1.12
C LEU A 50 5.83 6.46 -0.31
N ALA A 51 4.90 6.25 -1.24
CA ALA A 51 5.27 6.01 -2.63
C ALA A 51 4.12 6.28 -3.61
N GLY A 52 3.68 7.54 -3.68
CA GLY A 52 2.75 7.97 -4.71
C GLY A 52 1.33 7.45 -4.60
N GLY A 53 0.96 6.85 -3.47
CA GLY A 53 -0.37 6.30 -3.29
C GLY A 53 -0.39 4.80 -3.01
N TRP A 54 0.75 4.12 -3.12
CA TRP A 54 0.84 2.72 -2.77
C TRP A 54 0.65 2.54 -1.26
N ILE A 55 -0.04 1.47 -0.89
CA ILE A 55 -0.28 1.12 0.51
C ILE A 55 0.53 -0.12 0.84
N PRO A 56 1.42 -0.07 1.84
CA PRO A 56 2.29 -1.21 2.11
C PRO A 56 1.49 -2.43 2.58
N PRO A 57 2.01 -3.64 2.39
CA PRO A 57 1.20 -4.83 2.65
C PRO A 57 0.88 -5.07 4.11
N HIS A 58 1.69 -4.58 5.04
CA HIS A 58 1.46 -4.91 6.45
C HIS A 58 0.38 -4.04 7.08
N VAL A 59 -0.23 -3.14 6.33
CA VAL A 59 -1.32 -2.30 6.82
C VAL A 59 -2.63 -2.84 6.27
N ARG A 60 -3.55 -3.22 7.16
CA ARG A 60 -4.88 -3.64 6.77
C ARG A 60 -5.80 -2.43 6.69
N LEU A 61 -6.69 -2.42 5.66
CA LEU A 61 -7.47 -1.24 5.32
C LEU A 61 -8.88 -1.34 5.86
N PRO A 62 -9.43 -0.22 6.33
CA PRO A 62 -10.83 -0.19 6.75
C PRO A 62 -11.77 -0.44 5.56
N ALA A 63 -13.00 -0.83 5.89
CA ALA A 63 -13.99 -1.13 4.88
C ALA A 63 -14.31 0.10 4.04
N ASN A 64 -14.55 -0.13 2.75
CA ASN A 64 -15.11 0.86 1.84
C ASN A 64 -14.20 2.06 1.60
N VAL A 65 -12.89 1.86 1.57
CA VAL A 65 -11.98 2.94 1.19
C VAL A 65 -11.53 2.71 -0.25
N THR A 66 -11.19 3.79 -0.93
CA THR A 66 -10.71 3.78 -2.30
C THR A 66 -9.29 4.31 -2.33
N LEU A 67 -8.47 3.74 -3.21
CA LEU A 67 -7.06 4.10 -3.30
C LEU A 67 -6.78 4.87 -4.58
N LEU A 68 -5.70 5.64 -4.58
CA LEU A 68 -5.22 6.27 -5.80
C LEU A 68 -4.83 5.20 -6.80
N GLU A 69 -5.16 5.43 -8.07
CA GLU A 69 -4.78 4.50 -9.10
C GLU A 69 -3.28 4.60 -9.40
N PRO A 70 -2.66 3.52 -9.85
CA PRO A 70 -1.21 3.56 -10.11
C PRO A 70 -0.87 4.40 -11.33
N THR A 71 -0.41 5.62 -11.07
CA THR A 71 0.12 6.52 -12.09
C THR A 71 1.30 7.25 -11.47
N ALA A 72 2.26 7.63 -12.32
CA ALA A 72 3.42 8.39 -11.84
C ALA A 72 2.96 9.69 -11.21
N ARG A 73 3.39 9.91 -9.96
CA ARG A 73 3.10 11.14 -9.24
C ARG A 73 4.40 11.70 -8.68
N ARG A 74 4.47 13.02 -8.57
CA ARG A 74 5.72 13.67 -8.20
C ARG A 74 6.12 13.29 -6.78
N ARG A 75 7.43 13.20 -6.58
CA ARG A 75 8.00 12.72 -5.33
C ARG A 75 7.59 13.56 -4.14
N ASP A 76 7.45 14.87 -4.35
CA ASP A 76 7.33 15.85 -3.26
C ASP A 76 5.90 16.13 -2.85
N ALA A 77 4.92 15.45 -3.43
CA ALA A 77 3.53 15.69 -3.06
C ALA A 77 3.25 15.13 -1.68
N ASP A 78 2.69 15.96 -0.81
CA ASP A 78 2.33 15.52 0.53
C ASP A 78 0.94 14.88 0.52
N VAL A 79 0.52 14.38 1.69
CA VAL A 79 -0.74 13.64 1.76
C VAL A 79 -1.93 14.53 1.41
N ILE A 80 -1.85 15.82 1.73
CA ILE A 80 -2.94 16.72 1.37
C ILE A 80 -3.03 16.87 -0.15
N ASP A 81 -1.88 17.11 -0.81
CA ASP A 81 -1.87 17.20 -2.25
C ASP A 81 -2.35 15.91 -2.90
N LEU A 82 -1.98 14.76 -2.32
CA LEU A 82 -2.34 13.47 -2.93
C LEU A 82 -3.84 13.23 -2.90
N LEU A 83 -4.54 13.78 -1.90
CA LEU A 83 -5.99 13.60 -1.82
C LEU A 83 -6.71 14.25 -2.99
N GLY A 84 -6.15 15.30 -3.56
CA GLY A 84 -6.84 16.01 -4.62
C GLY A 84 -8.08 16.72 -4.09
N ALA A 85 -9.13 16.75 -4.92
CA ALA A 85 -10.34 17.48 -4.61
C ALA A 85 -11.26 16.65 -3.72
N VAL A 86 -11.51 17.13 -2.50
CA VAL A 86 -12.38 16.47 -1.54
C VAL A 86 -13.17 17.54 -0.80
N VAL A 87 -14.19 17.10 -0.04
CA VAL A 87 -15.04 17.99 0.73
C VAL A 87 -14.86 17.83 2.24
N ALA A 88 -13.95 16.96 2.66
CA ALA A 88 -13.56 16.85 4.07
C ALA A 88 -12.24 16.08 4.13
N VAL A 89 -11.40 16.47 5.09
CA VAL A 89 -10.03 15.95 5.18
C VAL A 89 -9.71 15.59 6.63
N ALA A 90 -9.03 14.45 6.81
CA ALA A 90 -8.37 14.11 8.06
C ALA A 90 -6.99 13.55 7.74
N ALA A 91 -6.06 13.70 8.69
CA ALA A 91 -4.67 13.31 8.42
C ALA A 91 -3.98 12.87 9.71
N HIS A 92 -2.80 12.28 9.52
CA HIS A 92 -1.92 11.86 10.59
C HIS A 92 -0.49 12.19 10.16
N GLU A 93 0.22 12.92 10.99
CA GLU A 93 1.63 13.23 10.71
C GLU A 93 2.50 12.11 11.26
N SER A 94 3.52 11.75 10.48
CA SER A 94 4.40 10.64 10.84
C SER A 94 4.95 10.81 12.24
N ASN A 95 4.90 9.72 13.02
CA ASN A 95 5.44 9.58 14.38
C ASN A 95 4.57 10.23 15.45
N THR A 96 3.38 10.73 15.09
CA THR A 96 2.40 11.10 16.10
C THR A 96 1.87 9.84 16.79
N TYR A 97 1.68 9.93 18.10
CA TYR A 97 1.12 8.80 18.84
C TYR A 97 -0.36 8.64 18.53
N VAL A 98 -0.79 7.39 18.37
CA VAL A 98 -2.18 7.06 18.06
C VAL A 98 -2.75 6.25 19.22
N ALA A 99 -3.96 6.61 19.65
CA ALA A 99 -4.58 5.93 20.76
C ALA A 99 -4.87 4.47 20.42
N GLU A 100 -4.87 3.63 21.45
CA GLU A 100 -5.30 2.25 21.31
C GLU A 100 -6.74 2.21 20.78
N PRO A 101 -7.09 1.20 20.00
CA PRO A 101 -8.43 1.17 19.42
C PRO A 101 -9.49 0.84 20.46
N GLY A 102 -10.70 1.31 20.18
CA GLY A 102 -11.86 0.99 20.98
C GLY A 102 -12.91 0.30 20.14
N PRO A 103 -14.13 0.17 20.68
CA PRO A 103 -15.20 -0.47 19.91
C PRO A 103 -15.59 0.28 18.64
N ASP A 104 -15.31 1.58 18.54
CA ASP A 104 -15.73 2.35 17.37
C ASP A 104 -14.70 2.35 16.24
N ALA A 105 -13.58 1.66 16.41
CA ALA A 105 -12.59 1.61 15.35
C ALA A 105 -13.16 0.86 14.14
N PRO A 106 -12.89 1.34 12.92
CA PRO A 106 -13.48 0.69 11.74
C PRO A 106 -12.90 -0.70 11.53
N ALA A 107 -13.78 -1.63 11.14
CA ALA A 107 -13.35 -2.99 10.84
C ALA A 107 -12.43 -3.01 9.63
N LEU A 108 -11.35 -3.77 9.75
CA LEU A 108 -10.29 -3.78 8.72
C LEU A 108 -10.59 -4.86 7.67
N THR A 109 -11.70 -4.65 6.95
CA THR A 109 -12.16 -5.60 5.95
C THR A 109 -12.03 -5.09 4.53
N GLY A 110 -11.31 -3.99 4.31
CA GLY A 110 -11.36 -3.33 3.03
C GLY A 110 -10.23 -3.63 2.07
N ASP A 111 -9.33 -4.55 2.38
CA ASP A 111 -8.15 -4.74 1.53
C ASP A 111 -8.51 -5.35 0.18
N ARG A 112 -9.41 -6.34 0.16
CA ARG A 112 -9.71 -7.02 -1.09
C ARG A 112 -10.30 -6.07 -2.13
N SER A 113 -11.30 -5.28 -1.73
CA SER A 113 -11.94 -4.37 -2.68
C SER A 113 -11.02 -3.20 -3.02
N ALA A 114 -10.30 -2.67 -2.04
CA ALA A 114 -9.48 -1.49 -2.29
C ALA A 114 -8.32 -1.81 -3.22
N ARG A 115 -7.72 -2.99 -3.09
CA ARG A 115 -6.52 -3.32 -3.85
C ARG A 115 -6.81 -4.09 -5.13
N SER A 116 -8.09 -4.33 -5.47
CA SER A 116 -8.45 -5.08 -6.67
C SER A 116 -8.94 -4.21 -7.81
N ALA A 117 -8.83 -2.88 -7.69
CA ALA A 117 -9.39 -1.98 -8.68
C ALA A 117 -8.51 -1.82 -9.93
N ILE A 118 -7.32 -2.40 -9.93
CA ILE A 118 -6.40 -2.23 -11.06
C ILE A 118 -6.64 -3.33 -12.08
N PRO A 119 -6.77 -3.01 -13.36
CA PRO A 119 -6.88 -4.05 -14.39
C PRO A 119 -5.68 -4.99 -14.35
N LYS A 120 -5.91 -6.22 -14.80
CA LYS A 120 -4.83 -7.21 -14.84
C LYS A 120 -3.70 -6.72 -15.73
N VAL A 121 -2.48 -6.71 -15.17
CA VAL A 121 -1.31 -6.32 -15.93
C VAL A 121 -1.15 -7.23 -17.14
N ASP A 122 -0.76 -6.64 -18.27
CA ASP A 122 -0.51 -7.43 -19.48
C ASP A 122 0.70 -8.34 -19.26
N GLU A 123 0.56 -9.60 -19.68
CA GLU A 123 1.59 -10.63 -19.54
C GLU A 123 2.16 -10.62 -18.12
N PHE A 124 1.28 -10.83 -17.14
CA PHE A 124 1.66 -10.69 -15.74
C PHE A 124 2.90 -11.51 -15.41
N GLY A 125 2.91 -12.78 -15.78
CA GLY A 125 3.99 -13.68 -15.46
C GLY A 125 5.33 -13.26 -16.03
N PRO A 126 5.43 -13.15 -17.36
CA PRO A 126 6.68 -12.67 -17.96
C PRO A 126 7.09 -11.30 -17.47
N THR A 127 6.13 -10.41 -17.18
CA THR A 127 6.48 -9.08 -16.68
C THR A 127 7.19 -9.17 -15.33
N LEU A 128 6.71 -10.02 -14.43
CA LEU A 128 7.35 -10.16 -13.13
C LEU A 128 8.74 -10.76 -13.26
N VAL A 129 8.89 -11.78 -14.10
CA VAL A 129 10.18 -12.43 -14.26
C VAL A 129 11.20 -11.48 -14.86
N GLU A 130 10.77 -10.64 -15.81
CA GLU A 130 11.66 -9.63 -16.38
C GLU A 130 12.07 -8.61 -15.32
N ALA A 131 11.11 -8.18 -14.50
CA ALA A 131 11.43 -7.21 -13.46
C ALA A 131 12.47 -7.75 -12.49
N VAL A 132 12.33 -9.02 -12.11
CA VAL A 132 13.30 -9.64 -11.22
C VAL A 132 14.67 -9.75 -11.90
N ARG A 133 14.67 -10.12 -13.19
CA ARG A 133 15.94 -10.29 -13.90
C ARG A 133 16.75 -8.99 -13.92
N ARG A 134 16.08 -7.86 -14.11
CA ARG A 134 16.76 -6.59 -14.34
C ARG A 134 17.06 -5.81 -13.06
N ARG A 135 16.73 -6.35 -11.88
CA ARG A 135 16.88 -5.64 -10.62
C ARG A 135 18.07 -6.23 -9.86
N ASP A 136 19.17 -5.47 -9.77
CA ASP A 136 20.38 -6.01 -9.17
C ASP A 136 20.29 -6.11 -7.65
N SER A 137 19.43 -5.31 -7.02
CA SER A 137 19.41 -5.18 -5.56
C SER A 137 18.58 -6.23 -4.86
N LEU A 138 17.90 -7.11 -5.58
CA LEU A 138 17.02 -8.10 -4.96
C LEU A 138 17.83 -9.14 -4.20
N PRO A 139 17.26 -9.73 -3.14
CA PRO A 139 17.95 -10.82 -2.45
C PRO A 139 17.87 -12.12 -3.24
N ARG A 140 18.69 -13.09 -2.82
CA ARG A 140 18.79 -14.35 -3.55
C ARG A 140 17.44 -15.07 -3.62
N ILE A 141 16.63 -14.96 -2.56
CA ILE A 141 15.35 -15.67 -2.54
C ILE A 141 14.45 -15.23 -3.68
N ALA A 142 14.53 -13.95 -4.08
CA ALA A 142 13.71 -13.47 -5.18
C ALA A 142 14.12 -14.13 -6.50
N GLN A 143 15.43 -14.21 -6.76
CA GLN A 143 15.88 -14.91 -7.95
C GLN A 143 15.54 -16.39 -7.89
N ALA A 144 15.44 -16.95 -6.68
CA ALA A 144 15.29 -18.39 -6.54
C ALA A 144 13.86 -18.85 -6.84
N ILE A 145 12.85 -18.07 -6.43
CA ILE A 145 11.47 -18.55 -6.50
C ILE A 145 10.57 -17.67 -7.36
N ALA A 146 11.14 -16.68 -8.06
CA ALA A 146 10.32 -15.86 -8.94
C ALA A 146 9.63 -16.71 -10.00
N LEU A 147 10.40 -17.52 -10.72
CA LEU A 147 9.79 -18.36 -11.77
C LEU A 147 8.92 -19.45 -11.18
N PRO A 148 9.32 -20.20 -10.13
CA PRO A 148 8.39 -21.15 -9.52
C PRO A 148 7.07 -20.52 -9.06
N ALA A 149 7.12 -19.30 -8.53
CA ALA A 149 5.89 -18.64 -8.11
C ALA A 149 4.98 -18.35 -9.29
N VAL A 150 5.56 -17.90 -10.41
CA VAL A 150 4.77 -17.63 -11.60
C VAL A 150 4.22 -18.92 -12.19
N ARG A 151 5.04 -19.98 -12.21
CA ARG A 151 4.59 -21.27 -12.73
C ARG A 151 3.64 -21.98 -11.76
N LYS A 152 3.50 -21.49 -10.53
CA LYS A 152 2.62 -22.08 -9.52
C LYS A 152 3.01 -23.52 -9.19
N THR A 153 4.31 -23.81 -9.18
CA THR A 153 4.78 -25.14 -8.85
C THR A 153 4.83 -25.40 -7.36
N GLY A 154 4.77 -24.36 -6.53
CA GLY A 154 4.89 -24.53 -5.10
C GLY A 154 6.31 -24.37 -4.63
N VAL A 155 6.50 -23.74 -3.47
CA VAL A 155 7.83 -23.51 -2.92
C VAL A 155 7.90 -24.18 -1.55
N LEU A 156 9.11 -24.23 -1.01
CA LEU A 156 9.33 -24.85 0.28
C LEU A 156 9.02 -23.86 1.41
N GLU A 157 8.76 -24.41 2.60
CA GLU A 157 8.42 -23.55 3.74
C GLU A 157 9.57 -22.63 4.11
N ASN A 158 10.80 -23.16 4.09
CA ASN A 158 11.94 -22.30 4.41
C ASN A 158 12.09 -21.19 3.37
N GLU A 159 11.60 -21.41 2.15
CA GLU A 159 11.67 -20.38 1.14
C GLU A 159 10.62 -19.30 1.37
N ALA A 160 9.42 -19.70 1.81
CA ALA A 160 8.42 -18.71 2.22
C ALA A 160 8.88 -17.95 3.45
N GLU A 161 9.53 -18.64 4.39
CA GLU A 161 10.03 -17.98 5.60
C GLU A 161 11.10 -16.94 5.26
N LEU A 162 12.03 -17.32 4.38
CA LEU A 162 13.08 -16.37 3.99
C LEU A 162 12.50 -15.19 3.23
N LEU A 163 11.56 -15.45 2.32
CA LEU A 163 10.91 -14.36 1.59
C LEU A 163 10.26 -13.36 2.54
N HIS A 164 9.50 -13.87 3.52
CA HIS A 164 8.86 -12.96 4.46
C HIS A 164 9.89 -12.23 5.31
N GLY A 165 10.97 -12.91 5.68
CA GLY A 165 12.03 -12.24 6.43
C GLY A 165 12.65 -11.11 5.65
N CYS A 166 12.79 -11.28 4.32
CA CYS A 166 13.35 -10.22 3.50
C CYS A 166 12.35 -9.08 3.30
N ILE A 167 11.05 -9.40 3.24
CA ILE A 167 10.04 -8.36 3.16
C ILE A 167 10.05 -7.50 4.41
N THR A 168 10.09 -8.15 5.58
CA THR A 168 10.14 -7.42 6.84
C THR A 168 11.39 -6.55 6.92
N ALA A 169 12.50 -7.02 6.40
CA ALA A 169 13.76 -6.28 6.48
C ALA A 169 13.73 -5.02 5.62
N VAL A 170 13.25 -5.13 4.37
CA VAL A 170 13.19 -3.93 3.53
C VAL A 170 12.13 -2.97 4.04
N LYS A 171 11.05 -3.50 4.63
CA LYS A 171 10.06 -2.64 5.27
C LYS A 171 10.73 -1.77 6.33
N GLU A 172 11.54 -2.38 7.19
CA GLU A 172 12.20 -1.63 8.25
C GLU A 172 13.28 -0.70 7.70
N SER A 173 14.01 -1.15 6.68
CA SER A 173 14.99 -0.27 6.04
C SER A 173 14.32 0.98 5.50
N VAL A 174 13.21 0.82 4.80
CA VAL A 174 12.55 1.95 4.16
C VAL A 174 11.92 2.87 5.20
N LEU A 175 11.18 2.30 6.15
CA LEU A 175 10.44 3.14 7.10
C LEU A 175 11.37 3.84 8.09
N LYS A 176 12.56 3.30 8.33
CA LYS A 176 13.52 4.02 9.16
C LYS A 176 14.21 5.14 8.39
N ALA A 177 14.33 5.01 7.07
CA ALA A 177 14.93 6.07 6.26
C ALA A 177 13.92 7.16 5.91
N TYR A 178 12.63 6.84 5.93
CA TYR A 178 11.55 7.80 5.70
C TYR A 178 11.73 9.04 6.58
N PRO A 179 11.48 10.23 6.02
CA PRO A 179 11.00 10.48 4.66
C PRO A 179 12.11 10.59 3.61
N SER A 180 13.34 10.25 3.97
CA SER A 180 14.47 10.28 3.04
C SER A 180 14.78 8.90 2.47
N HIS A 181 13.76 8.08 2.26
CA HIS A 181 13.93 6.74 1.72
C HIS A 181 14.22 6.80 0.22
N GLU A 182 14.88 5.75 -0.27
CA GLU A 182 15.12 5.60 -1.70
C GLU A 182 13.98 4.81 -2.32
N LEU A 183 13.40 5.37 -3.39
CA LEU A 183 12.37 4.64 -4.13
C LEU A 183 12.90 3.32 -4.68
N THR A 184 14.22 3.22 -4.87
CA THR A 184 14.84 1.95 -5.23
C THR A 184 14.47 0.85 -4.24
N ALA A 185 14.63 1.13 -2.94
CA ALA A 185 14.29 0.13 -1.92
C ALA A 185 12.79 -0.11 -1.87
N VAL A 186 11.98 0.91 -2.13
CA VAL A 186 10.53 0.72 -2.16
C VAL A 186 10.15 -0.21 -3.31
N GLY A 187 10.77 -0.05 -4.47
CA GLY A 187 10.50 -0.95 -5.58
C GLY A 187 10.81 -2.39 -5.25
N ASP A 188 11.93 -2.63 -4.56
CA ASP A 188 12.26 -3.99 -4.11
C ASP A 188 11.18 -4.52 -3.18
N TRP A 189 10.73 -3.69 -2.23
CA TRP A 189 9.63 -4.05 -1.35
C TRP A 189 8.40 -4.49 -2.14
N MET A 190 8.08 -3.74 -3.21
CA MET A 190 6.91 -4.05 -4.02
C MET A 190 7.06 -5.38 -4.74
N LEU A 191 8.24 -5.63 -5.34
CA LEU A 191 8.44 -6.88 -6.06
C LEU A 191 8.39 -8.08 -5.14
N LEU A 192 9.01 -7.97 -3.96
CA LEU A 192 8.93 -9.06 -2.99
C LEU A 192 7.50 -9.29 -2.52
N ALA A 193 6.74 -8.20 -2.35
CA ALA A 193 5.35 -8.34 -1.92
C ALA A 193 4.52 -9.05 -2.98
N ALA A 194 4.82 -8.81 -4.26
CA ALA A 194 4.11 -9.48 -5.34
C ALA A 194 4.38 -10.98 -5.32
N ILE A 195 5.64 -11.36 -5.06
CA ILE A 195 5.99 -12.78 -5.01
C ILE A 195 5.27 -13.47 -3.87
N GLU A 196 5.20 -12.82 -2.70
CA GLU A 196 4.54 -13.47 -1.56
C GLU A 196 3.04 -13.64 -1.81
N ALA A 197 2.39 -12.60 -2.33
CA ALA A 197 0.97 -12.73 -2.66
C ALA A 197 0.75 -13.85 -3.69
N LEU A 198 1.70 -14.01 -4.61
CA LEU A 198 1.58 -15.06 -5.63
C LEU A 198 1.60 -16.45 -5.00
N ILE A 199 2.59 -16.72 -4.14
CA ILE A 199 2.67 -18.04 -3.53
C ILE A 199 1.52 -18.28 -2.56
N ASP A 200 0.87 -17.21 -2.08
CA ASP A 200 -0.32 -17.33 -1.25
C ASP A 200 -1.61 -17.43 -2.05
N GLU A 201 -1.53 -17.52 -3.37
CA GLU A 201 -2.70 -17.60 -4.26
C GLU A 201 -3.56 -16.35 -4.19
N GLN A 202 -2.97 -15.21 -3.90
CA GLN A 202 -3.69 -13.93 -3.95
C GLN A 202 -3.23 -13.14 -5.17
N ASP A 203 -3.59 -13.69 -6.34
CA ASP A 203 -3.12 -13.19 -7.62
C ASP A 203 -3.50 -11.73 -7.83
N TYR A 204 -4.66 -11.31 -7.33
CA TYR A 204 -5.05 -9.91 -7.48
C TYR A 204 -4.15 -9.00 -6.66
N LEU A 205 -3.63 -9.49 -5.53
CA LEU A 205 -2.67 -8.69 -4.76
C LEU A 205 -1.32 -8.63 -5.46
N ALA A 206 -0.85 -9.75 -6.00
CA ALA A 206 0.37 -9.73 -6.79
C ALA A 206 0.26 -8.76 -7.94
N ASN A 207 -0.93 -8.70 -8.58
CA ASN A 207 -1.17 -7.74 -9.64
C ASN A 207 -1.05 -6.31 -9.11
N TYR A 208 -1.66 -6.04 -7.95
CA TYR A 208 -1.61 -4.71 -7.35
C TYR A 208 -0.17 -4.25 -7.15
N HIS A 209 0.65 -5.13 -6.56
CA HIS A 209 2.03 -4.73 -6.25
C HIS A 209 2.87 -4.61 -7.52
N LEU A 210 2.63 -5.48 -8.51
CA LEU A 210 3.37 -5.42 -9.76
C LEU A 210 3.03 -4.14 -10.53
N ALA A 211 1.76 -3.76 -10.56
CA ALA A 211 1.38 -2.53 -11.24
C ALA A 211 2.03 -1.31 -10.59
N TRP A 212 2.05 -1.27 -9.25
CA TRP A 212 2.68 -0.16 -8.58
C TRP A 212 4.20 -0.18 -8.74
N TYR A 213 4.79 -1.35 -8.90
CA TYR A 213 6.23 -1.41 -9.16
C TYR A 213 6.58 -0.70 -10.46
N ALA A 214 5.73 -0.85 -11.48
CA ALA A 214 6.04 -0.29 -12.79
C ALA A 214 6.07 1.23 -12.76
N VAL A 215 5.07 1.85 -12.10
CA VAL A 215 5.06 3.31 -12.04
C VAL A 215 6.08 3.84 -11.05
N THR A 216 6.47 3.04 -10.06
CA THR A 216 7.46 3.50 -9.09
C THR A 216 8.86 3.54 -9.70
N THR A 217 9.17 2.60 -10.59
CA THR A 217 10.50 2.48 -11.18
C THR A 217 10.59 3.10 -12.57
N ARG A 218 9.56 3.82 -13.01
CA ARG A 218 9.57 4.42 -14.33
C ARG A 218 10.64 5.49 -14.44
N ARG A 219 11.28 5.55 -15.61
CA ARG A 219 12.24 6.59 -15.91
C ARG A 219 11.49 7.87 -16.32
N GLY A 220 12.25 8.93 -16.61
CA GLY A 220 11.65 10.21 -16.94
C GLY A 220 10.99 10.26 -18.31
K K B . -14.75 4.61 -1.14
#